data_2VEQ
#
_entry.id   2VEQ
#
_cell.length_a   83.737
_cell.length_b   83.737
_cell.length_c   231.368
_cell.angle_alpha   90.00
_cell.angle_beta   90.00
_cell.angle_gamma   90.00
#
_symmetry.space_group_name_H-M   'P 43 21 2'
#
loop_
_entity.id
_entity.type
_entity.pdbx_description
1 polymer 'CENTROMERE DNA-BINDING PROTEIN COMPLEX CBF3 SUBUNIT B'
2 non-polymer BETA-MERCAPTOETHANOL
3 non-polymer 'CACODYLATE ION'
4 water water
#
_entity_poly.entity_id   1
_entity_poly.type   'polypeptide(L)'
_entity_poly.pdbx_seq_one_letter_code
;GSHMLITASSSKEYLPDLLLFWQNYEYWITNIGLYKTKQRDLTRTPANLDTDTEECMFWMNYLQKDQSFQLMNFAMENLG
ALYFGSIGDISELYLRVEQYWDRRADKNHSVDGKYWDALIWSVFTMCIYYMPVEKLAEIFSVYPLHEYLGSNKRLNWEDG
MQLVMCQNFARCSLFQLKQCDFMAHPDIRLVQAYLILATTTFPYDEPLLANSLLTQCIHTFKNFHVDDFRPLLNDDPVES
IAKVTLGRIFYRLCGCDYLQSGPRKPIALHTEVSSLLQHAAYLQDLPNVDVYREENSTEVLYWKIISLDRDLDQYLNKSS
KPPLKTLDAIRRELDIFQYKVDSLEEDFRSNNSRFQKFIALFQISTVSWKLFKMYLIYYDTADSLLKVIHYSKVIISLIV
NNFHAKSEFFNRHPMVMQTITRVVSFISFYQIFVESAAVKQLLVDLTELTANLPTIFGSKLDKLVYLTERLSKLKLLWDK
VQLLDSGDSFYHPVFKILQNDIKIIELKNDEMFSLIKGLGSLVPLNKLRQESLLEEEDENNTEPSDFRTIVEEFQSEYNI
SDILS
;
_entity_poly.pdbx_strand_id   A
#
# COMPACT_ATOMS: atom_id res chain seq x y z
N ILE A 6 44.19 8.72 3.68
CA ILE A 6 43.21 8.13 2.72
C ILE A 6 43.90 7.79 1.40
N THR A 7 43.93 6.50 1.06
CA THR A 7 44.56 6.03 -0.17
C THR A 7 43.59 5.15 -0.96
N ALA A 8 44.09 4.52 -2.03
CA ALA A 8 43.27 3.64 -2.85
C ALA A 8 42.96 2.36 -2.06
N SER A 9 41.93 1.63 -2.48
CA SER A 9 41.54 0.40 -1.79
C SER A 9 40.79 -0.58 -2.68
N SER A 10 41.02 -1.86 -2.43
CA SER A 10 40.36 -2.94 -3.16
C SER A 10 39.68 -3.79 -2.09
N SER A 11 39.65 -3.27 -0.87
CA SER A 11 39.05 -3.96 0.27
C SER A 11 37.57 -4.21 0.08
N LYS A 12 36.98 -4.92 1.03
CA LYS A 12 35.57 -5.26 0.98
C LYS A 12 34.94 -5.41 2.35
N GLU A 13 35.64 -4.98 3.40
CA GLU A 13 35.10 -5.09 4.75
C GLU A 13 34.14 -3.92 5.02
N TYR A 14 33.57 -3.38 3.96
CA TYR A 14 32.63 -2.27 4.04
C TYR A 14 31.22 -2.81 3.76
N LEU A 15 31.16 -3.91 3.01
CA LEU A 15 29.91 -4.54 2.62
C LEU A 15 28.95 -4.85 3.78
N PRO A 16 29.45 -5.46 4.87
CA PRO A 16 28.57 -5.77 6.00
C PRO A 16 27.77 -4.57 6.48
N ASP A 17 28.46 -3.46 6.73
CA ASP A 17 27.80 -2.25 7.19
C ASP A 17 26.98 -1.62 6.08
N LEU A 18 27.29 -1.97 4.84
CA LEU A 18 26.56 -1.43 3.70
C LEU A 18 25.22 -2.14 3.57
N LEU A 19 25.19 -3.41 3.96
CA LEU A 19 23.96 -4.19 3.89
C LEU A 19 23.06 -3.81 5.08
N LEU A 20 23.70 -3.47 6.23
CA LEU A 20 23.00 -2.99 7.45
C LEU A 20 22.29 -1.70 7.07
N PHE A 21 23.03 -0.93 6.29
CA PHE A 21 22.50 0.34 5.82
C PHE A 21 21.34 0.12 4.85
N TRP A 22 21.29 -0.87 4.01
CA TRP A 22 20.05 -1.14 3.36
C TRP A 22 18.84 -1.06 4.25
N GLN A 23 18.80 -1.62 5.41
CA GLN A 23 17.50 -1.63 6.15
C GLN A 23 16.86 -0.26 6.23
N ASN A 24 17.71 0.69 6.67
CA ASN A 24 17.23 2.08 6.72
C ASN A 24 16.89 2.61 5.33
N TYR A 25 17.73 2.35 4.35
CA TYR A 25 17.39 2.93 3.04
C TYR A 25 16.00 2.50 2.55
N GLU A 26 15.72 1.22 2.74
CA GLU A 26 14.46 0.61 2.31
C GLU A 26 13.28 1.28 3.03
N TYR A 27 13.46 1.55 4.32
CA TYR A 27 12.40 2.19 5.10
C TYR A 27 12.10 3.62 4.66
N TRP A 28 13.14 4.45 4.58
CA TRP A 28 12.95 5.85 4.20
C TRP A 28 12.64 6.12 2.74
N ILE A 29 13.36 5.45 1.85
CA ILE A 29 13.17 5.67 0.42
C ILE A 29 11.99 4.90 -0.22
N THR A 30 12.05 3.57 -0.18
CA THR A 30 11.02 2.75 -0.82
C THR A 30 9.68 2.67 -0.12
N ASN A 31 9.65 3.02 1.16
CA ASN A 31 8.41 2.97 1.93
C ASN A 31 7.90 4.39 2.27
N ILE A 32 8.56 5.07 3.20
CA ILE A 32 8.15 6.41 3.59
C ILE A 32 8.10 7.44 2.46
N GLY A 33 9.22 7.62 1.79
CA GLY A 33 9.27 8.59 0.71
C GLY A 33 8.38 8.32 -0.48
N LEU A 34 8.38 7.08 -0.95
CA LEU A 34 7.60 6.73 -2.11
C LEU A 34 6.09 6.66 -1.90
N TYR A 35 5.65 6.29 -0.70
CA TYR A 35 4.22 6.15 -0.47
C TYR A 35 3.57 7.01 0.60
N LYS A 36 4.35 7.58 1.50
CA LYS A 36 3.74 8.32 2.60
C LYS A 36 4.24 9.74 2.79
N THR A 37 4.86 10.30 1.77
CA THR A 37 5.38 11.65 1.85
C THR A 37 4.69 12.51 0.80
N LYS A 38 3.84 13.42 1.25
CA LYS A 38 3.11 14.28 0.33
C LYS A 38 3.34 15.72 0.75
N GLN A 39 4.08 16.44 -0.07
CA GLN A 39 4.38 17.84 0.21
C GLN A 39 3.08 18.64 0.30
N ARG A 40 3.06 19.56 1.26
CA ARG A 40 1.89 20.38 1.48
C ARG A 40 2.23 21.86 1.67
N ASP A 41 2.05 22.66 0.62
CA ASP A 41 2.26 24.10 0.74
C ASP A 41 0.84 24.64 0.89
N LEU A 42 0.43 24.93 2.11
CA LEU A 42 -0.92 25.41 2.37
C LEU A 42 -1.22 26.80 1.79
N THR A 43 -0.19 27.61 1.56
CA THR A 43 -0.41 28.95 1.01
C THR A 43 -0.73 28.89 -0.48
N ARG A 44 -0.56 27.71 -1.07
CA ARG A 44 -0.86 27.54 -2.50
C ARG A 44 -1.74 26.33 -2.73
N THR A 45 -2.53 25.97 -1.72
CA THR A 45 -3.44 24.84 -1.79
C THR A 45 -4.85 25.40 -1.67
N PRO A 46 -5.71 25.11 -2.65
CA PRO A 46 -7.08 25.63 -2.60
C PRO A 46 -7.94 24.97 -1.53
N ALA A 47 -8.71 25.80 -0.83
CA ALA A 47 -9.60 25.31 0.21
C ALA A 47 -10.79 24.69 -0.49
N ASN A 48 -11.56 23.85 0.22
CA ASN A 48 -12.73 23.23 -0.36
C ASN A 48 -13.93 24.05 0.12
N LEU A 49 -14.06 25.27 -0.39
CA LEU A 49 -15.14 26.18 -0.03
C LEU A 49 -16.49 25.48 -0.22
N ASP A 50 -16.55 24.71 -1.29
CA ASP A 50 -17.72 23.95 -1.69
C ASP A 50 -17.88 22.64 -0.89
N THR A 51 -16.79 22.19 -0.27
CA THR A 51 -16.74 20.94 0.50
C THR A 51 -17.16 19.71 -0.31
N ASP A 52 -16.79 19.72 -1.59
CA ASP A 52 -17.06 18.64 -2.55
C ASP A 52 -18.51 18.47 -2.98
N THR A 53 -19.38 19.39 -2.55
CA THR A 53 -20.80 19.33 -2.89
C THR A 53 -20.96 19.28 -4.41
N GLU A 54 -20.35 20.24 -5.08
CA GLU A 54 -20.38 20.37 -6.54
C GLU A 54 -19.87 19.09 -7.23
N GLU A 55 -18.66 18.69 -6.87
CA GLU A 55 -18.04 17.50 -7.45
C GLU A 55 -18.89 16.24 -7.36
N CYS A 56 -19.37 15.92 -6.16
CA CYS A 56 -20.16 14.71 -5.95
C CYS A 56 -21.60 14.80 -6.45
N MET A 57 -22.01 15.98 -6.86
CA MET A 57 -23.34 16.16 -7.41
C MET A 57 -23.27 15.44 -8.76
N PHE A 58 -22.18 15.70 -9.48
CA PHE A 58 -21.97 15.11 -10.79
C PHE A 58 -21.76 13.60 -10.76
N TRP A 59 -20.79 13.14 -9.96
CA TRP A 59 -20.48 11.72 -9.90
C TRP A 59 -21.64 10.86 -9.44
N MET A 60 -22.40 11.34 -8.47
CA MET A 60 -23.53 10.59 -7.95
C MET A 60 -24.69 10.55 -8.94
N ASN A 61 -24.80 11.56 -9.81
CA ASN A 61 -25.85 11.57 -10.83
C ASN A 61 -25.40 10.68 -11.98
N TYR A 62 -24.09 10.69 -12.21
CA TYR A 62 -23.50 9.88 -13.27
C TYR A 62 -23.82 8.40 -13.09
N LEU A 63 -23.54 7.87 -11.90
CA LEU A 63 -23.80 6.47 -11.61
C LEU A 63 -25.31 6.21 -11.68
N GLN A 64 -25.69 5.21 -12.49
CA GLN A 64 -27.09 4.86 -12.66
C GLN A 64 -27.37 3.57 -11.93
N LYS A 65 -28.64 3.34 -11.60
CA LYS A 65 -29.05 2.15 -10.89
C LYS A 65 -28.60 0.84 -11.52
N ASP A 66 -28.85 0.67 -12.83
CA ASP A 66 -28.44 -0.58 -13.48
C ASP A 66 -26.95 -0.84 -13.28
N GLN A 67 -26.16 0.21 -13.39
CA GLN A 67 -24.71 0.12 -13.24
C GLN A 67 -24.30 -0.21 -11.81
N SER A 68 -24.95 0.42 -10.83
CA SER A 68 -24.59 0.16 -9.43
C SER A 68 -24.76 -1.31 -9.04
N PHE A 69 -25.76 -1.99 -9.58
CA PHE A 69 -25.95 -3.40 -9.27
C PHE A 69 -24.95 -4.27 -10.03
N GLN A 70 -24.37 -3.72 -11.09
CA GLN A 70 -23.39 -4.48 -11.84
C GLN A 70 -22.06 -4.42 -11.10
N LEU A 71 -21.87 -3.36 -10.32
CA LEU A 71 -20.65 -3.22 -9.52
C LEU A 71 -20.77 -4.20 -8.36
N MET A 72 -21.94 -4.27 -7.73
CA MET A 72 -22.16 -5.21 -6.63
C MET A 72 -21.93 -6.64 -7.11
N ASN A 73 -22.53 -7.00 -8.24
CA ASN A 73 -22.36 -8.35 -8.79
C ASN A 73 -20.88 -8.66 -8.98
N PHE A 74 -20.13 -7.69 -9.50
CA PHE A 74 -18.70 -7.89 -9.71
C PHE A 74 -18.00 -8.12 -8.36
N ALA A 75 -18.38 -7.35 -7.34
CA ALA A 75 -17.79 -7.51 -6.02
C ALA A 75 -18.18 -8.86 -5.45
N MET A 76 -19.48 -9.16 -5.50
CA MET A 76 -20.04 -10.41 -4.99
C MET A 76 -19.41 -11.65 -5.62
N GLU A 77 -18.91 -11.49 -6.85
CA GLU A 77 -18.31 -12.58 -7.61
C GLU A 77 -16.78 -12.67 -7.64
N ASN A 78 -16.10 -11.60 -7.25
CA ASN A 78 -14.65 -11.61 -7.34
C ASN A 78 -13.86 -11.15 -6.12
N LEU A 79 -14.45 -10.23 -5.36
CA LEU A 79 -13.75 -9.61 -4.25
C LEU A 79 -14.02 -10.02 -2.81
N GLY A 80 -14.62 -11.19 -2.61
CA GLY A 80 -14.91 -11.64 -1.27
C GLY A 80 -13.70 -11.69 -0.34
N ALA A 81 -12.53 -11.99 -0.88
CA ALA A 81 -11.33 -12.08 -0.06
C ALA A 81 -10.90 -10.72 0.47
N LEU A 82 -11.30 -9.66 -0.21
CA LEU A 82 -10.95 -8.31 0.20
C LEU A 82 -11.93 -7.66 1.17
N TYR A 83 -13.23 -7.89 0.95
CA TYR A 83 -14.23 -7.26 1.79
C TYR A 83 -14.83 -8.07 2.94
N PHE A 84 -14.69 -9.39 2.93
CA PHE A 84 -15.30 -10.18 4.00
C PHE A 84 -14.95 -9.70 5.40
N GLY A 85 -13.66 -9.48 5.65
CA GLY A 85 -13.22 -9.05 6.97
C GLY A 85 -13.83 -7.74 7.42
N SER A 86 -14.19 -6.90 6.46
CA SER A 86 -14.76 -5.61 6.75
C SER A 86 -16.29 -5.57 6.88
N ILE A 87 -16.97 -6.07 5.86
CA ILE A 87 -18.43 -6.03 5.84
C ILE A 87 -19.11 -7.38 5.93
N GLY A 88 -18.33 -8.45 5.98
CA GLY A 88 -18.90 -9.78 6.06
C GLY A 88 -19.59 -10.16 4.76
N ASP A 89 -20.65 -10.98 4.87
CA ASP A 89 -21.39 -11.41 3.69
C ASP A 89 -22.01 -10.18 3.05
N ILE A 90 -21.86 -10.06 1.73
CA ILE A 90 -22.35 -8.91 0.97
C ILE A 90 -23.85 -8.93 0.62
N SER A 91 -24.53 -10.01 0.93
CA SER A 91 -25.95 -10.15 0.60
C SER A 91 -26.90 -9.07 1.14
N GLU A 92 -26.75 -8.65 2.39
CA GLU A 92 -27.68 -7.64 2.89
C GLU A 92 -27.34 -6.27 2.36
N LEU A 93 -26.17 -6.14 1.74
CA LEU A 93 -25.75 -4.87 1.19
C LEU A 93 -26.56 -4.55 -0.08
N TYR A 94 -27.12 -5.56 -0.73
CA TYR A 94 -27.93 -5.32 -1.93
C TYR A 94 -29.17 -4.54 -1.52
N LEU A 95 -29.75 -4.90 -0.38
CA LEU A 95 -30.90 -4.20 0.16
C LEU A 95 -30.56 -2.73 0.37
N ARG A 96 -29.33 -2.46 0.78
CA ARG A 96 -28.88 -1.09 1.02
C ARG A 96 -28.79 -0.31 -0.29
N VAL A 97 -28.39 -0.99 -1.37
CA VAL A 97 -28.33 -0.31 -2.65
C VAL A 97 -29.77 0.04 -3.07
N GLU A 98 -30.70 -0.89 -2.88
CA GLU A 98 -32.10 -0.64 -3.21
C GLU A 98 -32.57 0.61 -2.44
N GLN A 99 -32.38 0.61 -1.12
CA GLN A 99 -32.77 1.75 -0.30
C GLN A 99 -32.08 3.04 -0.72
N TYR A 100 -30.84 2.95 -1.16
CA TYR A 100 -30.13 4.14 -1.63
C TYR A 100 -30.91 4.75 -2.79
N TRP A 101 -31.42 3.91 -3.69
CA TRP A 101 -32.19 4.40 -4.83
C TRP A 101 -33.60 4.83 -4.43
N ASP A 102 -34.19 4.15 -3.45
CA ASP A 102 -35.53 4.51 -2.97
C ASP A 102 -35.50 5.91 -2.39
N ARG A 103 -34.35 6.31 -1.84
CA ARG A 103 -34.22 7.60 -1.19
C ARG A 103 -33.42 8.63 -1.98
N ARG A 104 -32.88 8.20 -3.11
CA ARG A 104 -32.08 9.09 -3.95
C ARG A 104 -32.78 10.40 -4.30
N ALA A 105 -34.11 10.37 -4.35
CA ALA A 105 -34.90 11.56 -4.70
C ALA A 105 -35.26 12.41 -3.50
N ASP A 106 -35.27 11.80 -2.32
CA ASP A 106 -35.61 12.47 -1.07
C ASP A 106 -34.84 13.76 -0.85
N LYS A 107 -35.48 14.74 -0.22
CA LYS A 107 -34.86 16.02 0.08
C LYS A 107 -34.35 16.00 1.52
N ASN A 108 -34.78 14.99 2.28
CA ASN A 108 -34.37 14.80 3.67
C ASN A 108 -33.84 13.39 3.87
N HIS A 109 -32.68 13.26 4.48
CA HIS A 109 -32.07 11.96 4.74
C HIS A 109 -31.67 11.86 6.21
N SER A 110 -31.73 10.68 6.78
CA SER A 110 -31.33 10.50 8.17
C SER A 110 -29.85 10.13 8.17
N VAL A 111 -29.17 10.40 9.28
CA VAL A 111 -27.76 10.07 9.41
C VAL A 111 -27.58 8.59 9.17
N ASP A 112 -28.50 7.78 9.70
CA ASP A 112 -28.43 6.34 9.54
C ASP A 112 -28.40 5.97 8.05
N GLY A 113 -29.37 6.49 7.31
CA GLY A 113 -29.42 6.20 5.88
C GLY A 113 -28.15 6.61 5.18
N LYS A 114 -27.64 7.79 5.55
CA LYS A 114 -26.43 8.32 4.92
C LYS A 114 -25.20 7.45 5.20
N TYR A 115 -25.19 6.77 6.35
CA TYR A 115 -24.07 5.91 6.67
C TYR A 115 -24.08 4.70 5.73
N TRP A 116 -25.27 4.14 5.47
CA TRP A 116 -25.36 3.00 4.56
C TRP A 116 -24.92 3.45 3.17
N ASP A 117 -25.34 4.65 2.77
CA ASP A 117 -24.96 5.16 1.44
C ASP A 117 -23.45 5.28 1.35
N ALA A 118 -22.84 5.86 2.37
CA ALA A 118 -21.40 6.02 2.36
C ALA A 118 -20.74 4.65 2.21
N LEU A 119 -21.25 3.67 2.93
CA LEU A 119 -20.69 2.33 2.88
C LEU A 119 -20.78 1.67 1.50
N ILE A 120 -21.94 1.74 0.83
CA ILE A 120 -22.05 1.12 -0.47
C ILE A 120 -21.20 1.88 -1.50
N TRP A 121 -21.05 3.18 -1.31
CA TRP A 121 -20.22 3.96 -2.22
C TRP A 121 -18.74 3.63 -2.06
N SER A 122 -18.33 3.20 -0.87
CA SER A 122 -16.93 2.84 -0.69
C SER A 122 -16.75 1.53 -1.44
N VAL A 123 -17.80 0.70 -1.42
CA VAL A 123 -17.78 -0.56 -2.15
C VAL A 123 -17.71 -0.29 -3.66
N PHE A 124 -18.51 0.65 -4.15
CA PHE A 124 -18.47 0.99 -5.57
C PHE A 124 -17.05 1.40 -5.94
N THR A 125 -16.40 2.14 -5.03
CA THR A 125 -15.04 2.61 -5.25
C THR A 125 -14.11 1.42 -5.45
N MET A 126 -14.18 0.46 -4.54
CA MET A 126 -13.36 -0.74 -4.60
C MET A 126 -13.59 -1.43 -5.94
N CYS A 127 -14.86 -1.53 -6.33
CA CYS A 127 -15.24 -2.16 -7.58
C CYS A 127 -14.60 -1.50 -8.79
N ILE A 128 -14.65 -0.17 -8.85
CA ILE A 128 -14.07 0.55 -9.96
C ILE A 128 -12.57 0.33 -9.99
N TYR A 129 -11.97 0.24 -8.81
CA TYR A 129 -10.53 0.05 -8.70
C TYR A 129 -10.04 -1.30 -9.23
N TYR A 130 -10.84 -2.35 -9.00
CA TYR A 130 -10.47 -3.69 -9.42
C TYR A 130 -11.02 -4.18 -10.76
N MET A 131 -12.11 -3.59 -11.23
CA MET A 131 -12.73 -4.06 -12.47
C MET A 131 -11.88 -3.94 -13.74
N PRO A 132 -11.77 -5.05 -14.49
CA PRO A 132 -11.01 -5.10 -15.74
C PRO A 132 -11.54 -4.00 -16.65
N VAL A 133 -10.65 -3.25 -17.30
CA VAL A 133 -11.07 -2.16 -18.15
C VAL A 133 -12.12 -2.55 -19.21
N GLU A 134 -12.07 -3.81 -19.67
CA GLU A 134 -13.02 -4.27 -20.67
C GLU A 134 -14.44 -4.31 -20.10
N LYS A 135 -14.57 -4.86 -18.89
CA LYS A 135 -15.87 -4.96 -18.23
C LYS A 135 -16.36 -3.56 -17.84
N LEU A 136 -15.42 -2.69 -17.51
CA LEU A 136 -15.74 -1.31 -17.13
C LEU A 136 -16.29 -0.58 -18.36
N ALA A 137 -15.63 -0.77 -19.51
CA ALA A 137 -16.06 -0.15 -20.76
C ALA A 137 -17.47 -0.57 -21.16
N GLU A 138 -17.78 -1.85 -21.01
CA GLU A 138 -19.12 -2.34 -21.35
C GLU A 138 -20.21 -1.72 -20.49
N ILE A 139 -19.84 -1.24 -19.31
CA ILE A 139 -20.81 -0.64 -18.39
C ILE A 139 -20.95 0.88 -18.43
N PHE A 140 -19.81 1.59 -18.48
CA PHE A 140 -19.83 3.05 -18.46
C PHE A 140 -19.32 3.74 -19.72
N SER A 141 -19.77 4.98 -19.91
CA SER A 141 -19.39 5.81 -21.04
C SER A 141 -18.43 6.89 -20.53
N VAL A 142 -17.24 6.95 -21.10
CA VAL A 142 -16.23 7.92 -20.69
C VAL A 142 -16.56 9.37 -20.99
N TYR A 143 -17.26 9.60 -22.10
CA TYR A 143 -17.58 10.94 -22.60
C TYR A 143 -18.27 11.87 -21.60
N PRO A 144 -19.23 11.37 -20.79
CA PRO A 144 -19.85 12.32 -19.86
C PRO A 144 -18.82 12.89 -18.86
N LEU A 145 -17.71 12.17 -18.68
CA LEU A 145 -16.66 12.61 -17.77
C LEU A 145 -15.87 13.80 -18.33
N HIS A 146 -15.36 13.64 -19.55
CA HIS A 146 -14.60 14.70 -20.21
C HIS A 146 -15.52 15.91 -20.30
N GLU A 147 -16.77 15.64 -20.66
CA GLU A 147 -17.82 16.65 -20.79
C GLU A 147 -17.83 17.57 -19.56
N TYR A 148 -17.70 16.96 -18.38
CA TYR A 148 -17.72 17.73 -17.12
C TYR A 148 -16.34 18.14 -16.61
N LEU A 149 -15.35 17.27 -16.77
CA LEU A 149 -14.00 17.56 -16.31
C LEU A 149 -13.26 18.53 -17.23
N GLY A 150 -13.55 18.45 -18.53
CA GLY A 150 -12.89 19.32 -19.48
C GLY A 150 -11.61 18.69 -19.97
N SER A 151 -11.45 17.39 -19.72
CA SER A 151 -10.27 16.66 -20.16
C SER A 151 -10.40 16.27 -21.63
N ASN A 152 -9.32 15.77 -22.20
CA ASN A 152 -9.31 15.38 -23.61
C ASN A 152 -10.30 14.26 -23.93
N LYS A 153 -11.25 14.54 -24.82
CA LYS A 153 -12.28 13.57 -25.23
C LYS A 153 -11.68 12.31 -25.86
N ARG A 154 -10.43 12.41 -26.31
CA ARG A 154 -9.75 11.28 -26.94
C ARG A 154 -9.21 10.27 -25.93
N LEU A 155 -9.17 10.67 -24.65
CA LEU A 155 -8.70 9.80 -23.58
C LEU A 155 -9.77 8.79 -23.18
N ASN A 156 -9.44 7.51 -23.23
CA ASN A 156 -10.38 6.46 -22.86
C ASN A 156 -10.14 5.95 -21.46
N TRP A 157 -10.90 4.94 -21.06
CA TRP A 157 -10.80 4.34 -19.73
C TRP A 157 -9.40 3.86 -19.40
N GLU A 158 -8.76 3.20 -20.36
CA GLU A 158 -7.42 2.66 -20.16
C GLU A 158 -6.33 3.73 -20.13
N ASP A 159 -6.72 4.97 -20.40
CA ASP A 159 -5.75 6.07 -20.42
C ASP A 159 -5.69 6.88 -19.13
N GLY A 160 -5.95 6.22 -18.01
CA GLY A 160 -5.92 6.90 -16.72
C GLY A 160 -7.27 7.43 -16.27
N MET A 161 -8.30 7.21 -17.07
CA MET A 161 -9.65 7.67 -16.74
C MET A 161 -10.34 6.77 -15.72
N GLN A 162 -9.96 5.49 -15.67
CA GLN A 162 -10.57 4.59 -14.71
C GLN A 162 -10.07 4.99 -13.32
N LEU A 163 -8.79 5.35 -13.23
CA LEU A 163 -8.19 5.76 -11.97
C LEU A 163 -8.84 7.07 -11.49
N VAL A 164 -9.18 7.94 -12.43
CA VAL A 164 -9.81 9.21 -12.06
C VAL A 164 -11.22 8.96 -11.53
N MET A 165 -11.94 8.03 -12.14
CA MET A 165 -13.29 7.73 -11.67
C MET A 165 -13.24 7.04 -10.29
N CYS A 166 -12.20 6.28 -10.05
CA CYS A 166 -12.04 5.59 -8.77
C CYS A 166 -11.75 6.62 -7.66
N GLN A 167 -10.83 7.53 -7.93
CA GLN A 167 -10.45 8.54 -6.96
C GLN A 167 -11.61 9.45 -6.56
N ASN A 168 -12.51 9.72 -7.50
CA ASN A 168 -13.67 10.56 -7.23
C ASN A 168 -14.77 9.80 -6.52
N PHE A 169 -14.84 8.48 -6.74
CA PHE A 169 -15.85 7.67 -6.07
C PHE A 169 -15.45 7.58 -4.59
N ALA A 170 -14.14 7.64 -4.34
CA ALA A 170 -13.62 7.61 -3.00
C ALA A 170 -13.97 8.93 -2.32
N ARG A 171 -13.79 10.02 -3.05
CA ARG A 171 -14.08 11.35 -2.56
C ARG A 171 -15.57 11.49 -2.18
N CYS A 172 -16.45 10.90 -2.97
CA CYS A 172 -17.88 10.99 -2.70
C CYS A 172 -18.33 10.06 -1.57
N SER A 173 -17.53 9.04 -1.33
CA SER A 173 -17.82 8.12 -0.24
C SER A 173 -17.55 8.91 1.04
N LEU A 174 -16.47 9.71 1.04
CA LEU A 174 -16.12 10.53 2.20
C LEU A 174 -17.09 11.70 2.33
N PHE A 175 -17.54 12.20 1.18
CA PHE A 175 -18.49 13.30 1.16
C PHE A 175 -19.77 12.90 1.90
N GLN A 176 -20.25 11.69 1.67
CA GLN A 176 -21.47 11.23 2.35
C GLN A 176 -21.22 11.00 3.84
N LEU A 177 -20.00 10.61 4.22
CA LEU A 177 -19.66 10.43 5.64
C LEU A 177 -19.70 11.83 6.29
N LYS A 178 -19.20 12.83 5.57
CA LYS A 178 -19.23 14.18 6.10
C LYS A 178 -20.68 14.64 6.31
N GLN A 179 -21.58 14.22 5.42
CA GLN A 179 -22.99 14.59 5.54
C GLN A 179 -23.59 13.91 6.77
N CYS A 180 -22.90 12.90 7.28
CA CYS A 180 -23.34 12.20 8.49
C CYS A 180 -22.87 12.94 9.73
N ASP A 181 -21.97 13.90 9.56
CA ASP A 181 -21.35 14.61 10.70
C ASP A 181 -20.75 13.44 11.49
N PHE A 182 -20.00 12.59 10.81
CA PHE A 182 -19.43 11.41 11.45
C PHE A 182 -18.66 11.64 12.74
N MET A 183 -18.09 12.82 12.92
CA MET A 183 -17.35 13.08 14.14
C MET A 183 -18.27 13.20 15.36
N ALA A 184 -19.53 13.54 15.14
CA ALA A 184 -20.48 13.67 16.24
C ALA A 184 -21.30 12.41 16.41
N HIS A 185 -21.13 11.47 15.49
CA HIS A 185 -21.87 10.21 15.51
C HIS A 185 -20.99 9.01 15.19
N PRO A 186 -20.19 8.56 16.17
CA PRO A 186 -19.33 7.41 15.91
C PRO A 186 -20.16 6.18 15.55
N ASP A 187 -19.86 5.59 14.41
CA ASP A 187 -20.58 4.42 13.92
C ASP A 187 -19.62 3.44 13.24
N ILE A 188 -19.84 2.15 13.47
CA ILE A 188 -18.98 1.11 12.90
C ILE A 188 -18.89 1.18 11.38
N ARG A 189 -19.87 1.83 10.75
CA ARG A 189 -19.85 1.92 9.31
C ARG A 189 -18.72 2.82 8.79
N LEU A 190 -18.21 3.71 9.65
CA LEU A 190 -17.12 4.58 9.23
C LEU A 190 -15.88 3.68 9.02
N VAL A 191 -15.64 2.81 10.00
CA VAL A 191 -14.51 1.90 9.95
C VAL A 191 -14.62 0.96 8.74
N GLN A 192 -15.83 0.45 8.53
CA GLN A 192 -16.10 -0.47 7.43
C GLN A 192 -15.88 0.19 6.08
N ALA A 193 -16.37 1.42 5.95
CA ALA A 193 -16.16 2.24 4.71
C ALA A 193 -14.69 2.48 4.51
N TYR A 194 -14.03 2.90 5.60
CA TYR A 194 -12.61 3.07 5.45
C TYR A 194 -11.96 1.78 5.01
N LEU A 195 -12.34 0.67 5.61
CA LEU A 195 -11.69 -0.61 5.36
C LEU A 195 -11.72 -1.00 3.89
N ILE A 196 -12.90 -0.70 3.34
CA ILE A 196 -13.12 -1.00 1.91
C ILE A 196 -12.29 -0.04 1.05
N LEU A 197 -12.18 1.24 1.40
CA LEU A 197 -11.43 2.18 0.59
C LEU A 197 -9.95 1.82 0.65
N ALA A 198 -9.53 1.20 1.77
CA ALA A 198 -8.13 0.81 1.97
C ALA A 198 -7.68 -0.36 1.14
N THR A 199 -8.62 -1.01 0.44
CA THR A 199 -8.26 -2.12 -0.43
C THR A 199 -7.76 -1.54 -1.75
N THR A 200 -7.96 -0.24 -1.95
CA THR A 200 -7.51 0.42 -3.16
C THR A 200 -6.23 1.19 -2.81
N THR A 201 -5.77 2.06 -3.71
CA THR A 201 -4.55 2.81 -3.45
C THR A 201 -4.82 4.11 -2.72
N PHE A 202 -6.09 4.34 -2.39
CA PHE A 202 -6.50 5.56 -1.68
C PHE A 202 -5.53 5.97 -0.57
N PRO A 203 -5.08 5.03 0.28
CA PRO A 203 -4.15 5.40 1.35
C PRO A 203 -2.81 5.90 0.83
N TYR A 204 -2.51 5.64 -0.43
CA TYR A 204 -1.27 6.06 -1.06
C TYR A 204 -1.48 7.41 -1.73
N ASP A 205 -2.70 7.62 -2.27
CA ASP A 205 -3.00 8.89 -2.92
C ASP A 205 -3.11 10.00 -1.89
N GLU A 206 -3.69 9.66 -0.73
CA GLU A 206 -3.91 10.61 0.37
C GLU A 206 -3.44 10.07 1.72
N PRO A 207 -2.12 9.97 1.91
CA PRO A 207 -1.54 9.46 3.16
C PRO A 207 -1.94 10.16 4.44
N LEU A 208 -1.98 11.49 4.44
CA LEU A 208 -2.34 12.22 5.65
C LEU A 208 -3.84 12.12 5.95
N LEU A 209 -4.66 12.25 4.91
CA LEU A 209 -6.10 12.15 5.07
C LEU A 209 -6.40 10.75 5.55
N ALA A 210 -5.78 9.75 4.91
CA ALA A 210 -5.99 8.36 5.29
C ALA A 210 -5.53 8.08 6.72
N ASN A 211 -4.42 8.69 7.14
CA ASN A 211 -3.93 8.50 8.49
C ASN A 211 -4.88 9.15 9.51
N SER A 212 -5.51 10.26 9.13
CA SER A 212 -6.46 10.93 10.02
C SER A 212 -7.72 10.09 10.14
N LEU A 213 -8.16 9.56 9.01
CA LEU A 213 -9.35 8.71 8.97
C LEU A 213 -9.10 7.44 9.78
N LEU A 214 -7.89 6.88 9.67
CA LEU A 214 -7.54 5.68 10.42
C LEU A 214 -7.59 6.00 11.92
N THR A 215 -7.06 7.17 12.29
CA THR A 215 -7.10 7.58 13.68
C THR A 215 -8.56 7.65 14.17
N GLN A 216 -9.45 8.14 13.31
CA GLN A 216 -10.87 8.21 13.66
C GLN A 216 -11.45 6.80 13.80
N CYS A 217 -10.97 5.85 13.00
CA CYS A 217 -11.47 4.48 13.09
C CYS A 217 -10.98 3.86 14.41
N ILE A 218 -9.75 4.19 14.81
CA ILE A 218 -9.19 3.66 16.05
C ILE A 218 -10.02 4.21 17.20
N HIS A 219 -10.39 5.49 17.11
CA HIS A 219 -11.22 6.12 18.13
C HIS A 219 -12.62 5.47 18.13
N THR A 220 -13.21 5.30 16.94
CA THR A 220 -14.52 4.64 16.79
C THR A 220 -14.49 3.24 17.35
N PHE A 221 -13.46 2.48 16.99
CA PHE A 221 -13.36 1.13 17.52
C PHE A 221 -13.32 1.15 19.03
N LYS A 222 -12.41 1.98 19.56
CA LYS A 222 -12.17 1.91 21.02
C LYS A 222 -13.39 2.35 21.75
N ASN A 223 -14.17 3.17 21.04
CA ASN A 223 -15.36 3.74 21.62
C ASN A 223 -16.40 2.68 22.02
N PHE A 224 -16.26 1.47 21.48
CA PHE A 224 -17.18 0.37 21.80
C PHE A 224 -16.80 -0.33 23.10
N HIS A 225 -15.53 -0.26 23.48
CA HIS A 225 -15.05 -0.90 24.68
C HIS A 225 -15.31 -2.40 24.71
N VAL A 226 -15.02 -3.06 23.59
CA VAL A 226 -15.14 -4.51 23.50
C VAL A 226 -13.70 -5.00 23.35
N ASP A 227 -13.18 -5.66 24.36
CA ASP A 227 -11.79 -6.16 24.32
C ASP A 227 -11.73 -7.67 24.13
N ASP A 228 -12.90 -8.31 24.22
CA ASP A 228 -13.00 -9.75 24.06
C ASP A 228 -14.06 -10.05 23.01
N PHE A 229 -13.64 -10.62 21.89
CA PHE A 229 -14.57 -10.92 20.80
C PHE A 229 -15.21 -12.32 20.86
N ARG A 230 -14.79 -13.13 21.83
CA ARG A 230 -15.33 -14.48 21.96
C ARG A 230 -16.75 -14.45 22.51
N PRO A 231 -17.67 -15.17 21.87
CA PRO A 231 -19.07 -15.23 22.30
C PRO A 231 -19.17 -15.82 23.71
N LEU A 232 -20.05 -15.27 24.54
CA LEU A 232 -20.21 -15.75 25.90
C LEU A 232 -21.56 -16.43 26.11
N LEU A 233 -21.59 -17.44 26.98
CA LEU A 233 -22.80 -18.21 27.28
C LEU A 233 -23.98 -17.31 27.64
N ASN A 234 -23.70 -16.27 28.42
CA ASN A 234 -24.75 -15.34 28.85
C ASN A 234 -25.09 -14.30 27.78
N ASP A 235 -24.51 -14.43 26.58
CA ASP A 235 -24.76 -13.47 25.52
C ASP A 235 -25.96 -13.74 24.61
N ASP A 236 -26.59 -12.65 24.20
CA ASP A 236 -27.70 -12.74 23.27
C ASP A 236 -27.00 -13.10 21.97
N PRO A 237 -27.54 -14.05 21.19
CA PRO A 237 -26.89 -14.42 19.92
C PRO A 237 -26.58 -13.23 19.02
N VAL A 238 -27.49 -12.25 18.98
CA VAL A 238 -27.28 -11.06 18.18
C VAL A 238 -26.05 -10.29 18.65
N GLU A 239 -25.80 -10.36 19.95
CA GLU A 239 -24.67 -9.68 20.57
C GLU A 239 -23.39 -10.47 20.30
N SER A 240 -23.51 -11.79 20.26
CA SER A 240 -22.35 -12.65 19.99
C SER A 240 -21.88 -12.44 18.55
N ILE A 241 -22.84 -12.25 17.66
CA ILE A 241 -22.56 -12.06 16.24
C ILE A 241 -21.90 -10.70 16.00
N ALA A 242 -22.37 -9.69 16.73
CA ALA A 242 -21.81 -8.36 16.61
C ALA A 242 -20.34 -8.36 17.06
N LYS A 243 -20.01 -9.16 18.06
CA LYS A 243 -18.65 -9.21 18.58
C LYS A 243 -17.69 -10.00 17.69
N VAL A 244 -18.20 -11.06 17.06
CA VAL A 244 -17.36 -11.86 16.18
C VAL A 244 -17.03 -10.97 14.97
N THR A 245 -18.00 -10.17 14.54
CA THR A 245 -17.85 -9.26 13.41
C THR A 245 -16.89 -8.13 13.76
N LEU A 246 -17.08 -7.53 14.92
CA LEU A 246 -16.21 -6.46 15.37
C LEU A 246 -14.77 -7.00 15.43
N GLY A 247 -14.64 -8.23 15.90
CA GLY A 247 -13.33 -8.85 15.98
C GLY A 247 -12.64 -8.95 14.63
N ARG A 248 -13.38 -9.31 13.59
CA ARG A 248 -12.77 -9.40 12.27
C ARG A 248 -12.37 -8.00 11.79
N ILE A 249 -13.18 -7.01 12.11
CA ILE A 249 -12.92 -5.64 11.71
C ILE A 249 -11.63 -5.15 12.39
N PHE A 250 -11.50 -5.43 13.68
CA PHE A 250 -10.34 -5.05 14.45
C PHE A 250 -9.05 -5.57 13.79
N TYR A 251 -9.07 -6.87 13.41
CA TYR A 251 -7.88 -7.41 12.75
C TYR A 251 -7.56 -6.83 11.39
N ARG A 252 -8.59 -6.52 10.61
CA ARG A 252 -8.34 -5.90 9.32
C ARG A 252 -7.77 -4.52 9.65
N LEU A 253 -8.26 -3.94 10.73
CA LEU A 253 -7.83 -2.60 11.07
C LEU A 253 -6.35 -2.59 11.40
N CYS A 254 -6.00 -3.62 12.15
CA CYS A 254 -4.61 -3.78 12.61
C CYS A 254 -3.70 -3.84 11.39
N GLY A 255 -4.24 -4.60 10.42
CA GLY A 255 -3.54 -4.68 9.12
C GLY A 255 -3.28 -3.27 8.58
N CYS A 256 -4.29 -2.39 8.53
CA CYS A 256 -4.11 -1.04 8.00
C CYS A 256 -3.16 -0.23 8.86
N ASP A 257 -3.29 -0.39 10.17
CA ASP A 257 -2.47 0.34 11.12
C ASP A 257 -1.00 0.08 10.86
N TYR A 258 -0.67 -1.17 10.56
CA TYR A 258 0.70 -1.56 10.29
C TYR A 258 1.16 -1.00 8.94
N LEU A 259 0.34 -1.18 7.91
CA LEU A 259 0.66 -0.71 6.57
C LEU A 259 0.81 0.81 6.48
N GLN A 260 0.13 1.54 7.34
CA GLN A 260 0.21 3.00 7.30
C GLN A 260 1.20 3.54 8.32
N SER A 261 2.05 2.67 8.84
CA SER A 261 3.04 3.11 9.81
C SER A 261 4.04 4.11 9.24
N GLY A 262 4.44 5.05 10.09
CA GLY A 262 5.37 6.07 9.67
C GLY A 262 5.26 7.27 10.58
N PRO A 263 6.09 8.29 10.37
CA PRO A 263 6.02 9.48 11.22
C PRO A 263 4.69 10.23 11.11
N ARG A 264 3.98 10.02 10.00
CA ARG A 264 2.68 10.69 9.80
C ARG A 264 1.49 9.93 10.38
N LYS A 265 1.75 8.85 11.14
CA LYS A 265 0.68 8.08 11.76
C LYS A 265 1.14 7.78 13.19
N PRO A 266 1.11 8.79 14.06
CA PRO A 266 1.52 8.77 15.47
C PRO A 266 0.63 8.00 16.46
N ILE A 267 -0.63 7.80 16.13
CA ILE A 267 -1.54 7.06 17.01
C ILE A 267 -1.63 5.63 16.49
N ALA A 268 -1.42 4.67 17.38
CA ALA A 268 -1.34 3.26 16.99
C ALA A 268 -2.49 2.46 17.60
N LEU A 269 -2.96 1.46 16.85
CA LEU A 269 -4.00 0.56 17.35
C LEU A 269 -3.44 -0.39 18.41
N HIS A 270 -2.20 -0.80 18.22
CA HIS A 270 -1.46 -1.50 19.27
C HIS A 270 -2.15 -2.80 19.67
N ARG A 293 -12.71 -21.46 12.15
CA ARG A 293 -14.17 -21.41 12.07
C ARG A 293 -14.64 -21.62 10.63
N GLU A 294 -14.00 -20.92 9.70
CA GLU A 294 -14.13 -21.24 8.28
C GLU A 294 -13.58 -20.18 7.34
N GLU A 295 -14.40 -19.17 7.04
CA GLU A 295 -14.00 -18.09 6.16
C GLU A 295 -13.22 -17.05 6.97
N ASN A 296 -13.57 -16.96 8.25
CA ASN A 296 -12.84 -16.12 9.19
C ASN A 296 -11.74 -16.90 9.89
N SER A 297 -11.53 -18.13 9.44
CA SER A 297 -10.29 -18.85 9.73
C SER A 297 -9.22 -18.38 8.74
N THR A 298 -9.64 -18.08 7.52
CA THR A 298 -8.79 -17.36 6.58
C THR A 298 -8.43 -15.97 7.10
N GLU A 299 -9.40 -15.32 7.73
CA GLU A 299 -9.18 -14.00 8.31
C GLU A 299 -8.06 -14.09 9.34
N VAL A 300 -8.03 -15.22 10.02
CA VAL A 300 -7.01 -15.46 11.04
C VAL A 300 -5.67 -15.66 10.36
N LEU A 301 -5.68 -16.38 9.25
CA LEU A 301 -4.47 -16.64 8.50
C LEU A 301 -3.90 -15.34 7.93
N TYR A 302 -4.77 -14.48 7.39
CA TYR A 302 -4.35 -13.20 6.81
C TYR A 302 -3.66 -12.32 7.84
N TRP A 303 -4.18 -12.29 9.06
CA TRP A 303 -3.57 -11.50 10.11
C TRP A 303 -2.23 -12.11 10.56
N LYS A 304 -2.21 -13.43 10.75
CA LYS A 304 -0.98 -14.06 11.19
C LYS A 304 0.18 -13.85 10.25
N ILE A 305 -0.10 -13.82 8.95
CA ILE A 305 0.95 -13.63 7.96
C ILE A 305 1.44 -12.19 7.97
N ILE A 306 0.51 -11.25 8.14
CA ILE A 306 0.89 -9.84 8.18
C ILE A 306 1.66 -9.53 9.47
N SER A 307 1.30 -10.17 10.58
CA SER A 307 1.99 -9.90 11.83
C SER A 307 3.43 -10.43 11.75
N LEU A 308 3.63 -11.43 10.91
CA LEU A 308 4.96 -12.02 10.69
C LEU A 308 5.75 -10.99 9.88
N ASP A 309 5.08 -10.39 8.90
CA ASP A 309 5.71 -9.37 8.07
C ASP A 309 6.16 -8.22 8.98
N ARG A 310 5.29 -7.87 9.93
CA ARG A 310 5.60 -6.78 10.85
C ARG A 310 6.75 -7.16 11.77
N ASP A 311 6.74 -8.40 12.27
CA ASP A 311 7.80 -8.86 13.15
C ASP A 311 9.16 -8.70 12.51
N LEU A 312 9.21 -8.79 11.19
CA LEU A 312 10.46 -8.65 10.46
C LEU A 312 10.83 -7.22 10.12
N ASP A 313 9.91 -6.49 9.49
CA ASP A 313 10.19 -5.12 9.08
C ASP A 313 10.30 -4.10 10.20
N GLN A 314 10.08 -4.53 11.43
CA GLN A 314 10.22 -3.61 12.56
C GLN A 314 11.70 -3.27 12.70
N TYR A 315 12.57 -4.11 12.14
CA TYR A 315 14.01 -3.91 12.22
C TYR A 315 14.55 -2.96 11.15
N LEU A 316 13.72 -2.62 10.15
CA LEU A 316 14.15 -1.72 9.09
C LEU A 316 14.77 -0.40 9.58
N ASN A 317 14.07 0.32 10.44
CA ASN A 317 14.56 1.60 10.93
C ASN A 317 15.11 1.51 12.35
N LYS A 318 15.43 0.29 12.77
CA LYS A 318 15.99 0.07 14.10
C LYS A 318 17.48 -0.19 13.89
N SER A 319 18.31 0.17 14.86
CA SER A 319 19.75 -0.05 14.71
C SER A 319 20.18 -1.39 15.28
N SER A 320 19.34 -2.00 16.11
CA SER A 320 19.66 -3.28 16.70
C SER A 320 19.42 -4.38 15.65
N LYS A 321 20.12 -5.49 15.80
CA LYS A 321 19.98 -6.61 14.87
C LYS A 321 19.05 -7.67 15.42
N PRO A 322 18.24 -8.29 14.56
CA PRO A 322 17.34 -9.33 15.07
C PRO A 322 18.22 -10.54 15.41
N PRO A 323 18.02 -11.13 16.59
CA PRO A 323 18.84 -12.31 16.96
C PRO A 323 18.54 -13.48 16.02
N LEU A 324 19.59 -14.23 15.66
CA LEU A 324 19.45 -15.39 14.77
C LEU A 324 18.31 -16.29 15.23
N LYS A 325 18.24 -16.54 16.53
CA LYS A 325 17.19 -17.39 17.08
C LYS A 325 15.80 -16.79 16.88
N THR A 326 15.73 -15.48 16.70
CA THR A 326 14.44 -14.83 16.49
C THR A 326 14.00 -15.10 15.05
N LEU A 327 14.95 -15.02 14.12
CA LEU A 327 14.63 -15.28 12.72
C LEU A 327 14.22 -16.76 12.58
N ASP A 328 14.94 -17.66 13.25
CA ASP A 328 14.58 -19.08 13.19
C ASP A 328 13.15 -19.29 13.70
N ALA A 329 12.80 -18.60 14.78
CA ALA A 329 11.45 -18.73 15.35
C ALA A 329 10.42 -18.30 14.31
N ILE A 330 10.68 -17.19 13.64
CA ILE A 330 9.77 -16.70 12.61
C ILE A 330 9.71 -17.70 11.46
N ARG A 331 10.84 -18.31 11.14
CA ARG A 331 10.91 -19.30 10.06
C ARG A 331 10.01 -20.49 10.37
N ARG A 332 10.05 -20.96 11.61
CA ARG A 332 9.23 -22.10 12.00
C ARG A 332 7.75 -21.82 11.85
N GLU A 333 7.32 -20.62 12.21
CA GLU A 333 5.91 -20.26 12.07
C GLU A 333 5.55 -20.11 10.61
N LEU A 334 6.49 -19.57 9.83
CA LEU A 334 6.28 -19.37 8.40
C LEU A 334 6.00 -20.70 7.70
N ASP A 335 6.72 -21.76 8.09
CA ASP A 335 6.52 -23.07 7.50
C ASP A 335 5.17 -23.65 7.90
N ILE A 336 4.70 -23.30 9.10
CA ILE A 336 3.40 -23.80 9.54
C ILE A 336 2.32 -23.13 8.69
N PHE A 337 2.44 -21.82 8.52
CA PHE A 337 1.46 -21.09 7.74
C PHE A 337 1.57 -21.38 6.25
N GLN A 338 2.78 -21.70 5.78
CA GLN A 338 2.95 -22.01 4.36
C GLN A 338 2.22 -23.30 4.07
N TYR A 339 2.08 -24.14 5.10
CA TYR A 339 1.40 -25.42 4.95
C TYR A 339 -0.11 -25.19 4.89
N LYS A 340 -0.62 -24.34 5.78
CA LYS A 340 -2.03 -24.04 5.79
C LYS A 340 -2.43 -23.30 4.51
N VAL A 341 -1.57 -22.38 4.07
CA VAL A 341 -1.81 -21.63 2.85
C VAL A 341 -1.87 -22.60 1.68
N ASP A 342 -0.99 -23.60 1.70
CA ASP A 342 -0.95 -24.60 0.63
C ASP A 342 -2.09 -25.61 0.74
N SER A 343 -2.71 -25.72 1.92
CA SER A 343 -3.81 -26.65 2.12
C SER A 343 -5.14 -26.01 1.70
N LEU A 344 -5.09 -24.72 1.35
CA LEU A 344 -6.29 -24.02 0.90
C LEU A 344 -6.66 -24.56 -0.45
N GLU A 345 -7.85 -25.14 -0.58
CA GLU A 345 -8.28 -25.64 -1.88
C GLU A 345 -8.75 -24.44 -2.69
N GLU A 346 -8.25 -24.29 -3.90
CA GLU A 346 -8.69 -23.19 -4.73
C GLU A 346 -9.52 -23.74 -5.88
N ASP A 347 -10.77 -23.28 -5.93
CA ASP A 347 -11.73 -23.67 -6.95
C ASP A 347 -11.52 -22.73 -8.13
N PHE A 348 -10.92 -23.23 -9.21
CA PHE A 348 -10.67 -22.41 -10.39
C PHE A 348 -11.95 -21.91 -11.03
N ARG A 349 -13.06 -22.55 -10.72
CA ARG A 349 -14.36 -22.15 -11.26
C ARG A 349 -14.83 -20.90 -10.52
N SER A 350 -14.45 -20.79 -9.25
CA SER A 350 -14.81 -19.65 -8.41
C SER A 350 -13.67 -18.64 -8.36
N ASN A 351 -13.95 -17.42 -8.80
CA ASN A 351 -12.93 -16.38 -8.83
C ASN A 351 -12.67 -15.80 -7.44
N ASN A 352 -13.62 -15.95 -6.52
CA ASN A 352 -13.42 -15.48 -5.16
C ASN A 352 -12.35 -16.36 -4.54
N SER A 353 -12.49 -17.66 -4.74
CA SER A 353 -11.55 -18.64 -4.24
C SER A 353 -10.15 -18.39 -4.82
N ARG A 354 -10.07 -18.18 -6.13
CA ARG A 354 -8.78 -17.94 -6.77
C ARG A 354 -8.03 -16.69 -6.27
N PHE A 355 -8.75 -15.60 -6.09
CA PHE A 355 -8.14 -14.36 -5.62
C PHE A 355 -7.61 -14.60 -4.20
N GLN A 356 -8.41 -15.28 -3.39
CA GLN A 356 -8.02 -15.60 -2.02
C GLN A 356 -6.72 -16.39 -1.97
N LYS A 357 -6.59 -17.36 -2.87
CA LYS A 357 -5.40 -18.20 -2.94
C LYS A 357 -4.21 -17.33 -3.33
N PHE A 358 -4.38 -16.52 -4.36
CA PHE A 358 -3.34 -15.61 -4.84
C PHE A 358 -2.87 -14.71 -3.69
N ILE A 359 -3.81 -14.01 -3.05
CA ILE A 359 -3.46 -13.12 -1.95
C ILE A 359 -2.64 -13.84 -0.86
N ALA A 360 -3.14 -14.95 -0.36
CA ALA A 360 -2.43 -15.69 0.69
C ALA A 360 -1.06 -16.15 0.22
N LEU A 361 -0.99 -16.63 -1.01
CA LEU A 361 0.27 -17.13 -1.58
C LEU A 361 1.28 -16.00 -1.75
N PHE A 362 0.80 -14.82 -2.15
CA PHE A 362 1.68 -13.68 -2.35
C PHE A 362 2.19 -13.13 -1.02
N GLN A 363 1.30 -13.04 -0.04
CA GLN A 363 1.70 -12.53 1.27
C GLN A 363 2.79 -13.41 1.88
N ILE A 364 2.56 -14.71 1.86
CA ILE A 364 3.52 -15.66 2.43
C ILE A 364 4.86 -15.63 1.70
N SER A 365 4.85 -15.42 0.39
CA SER A 365 6.10 -15.35 -0.36
C SER A 365 6.86 -14.06 0.00
N THR A 366 6.10 -12.98 0.19
CA THR A 366 6.68 -11.69 0.55
C THR A 366 7.41 -11.84 1.89
N VAL A 367 6.73 -12.43 2.86
CA VAL A 367 7.31 -12.63 4.18
C VAL A 367 8.56 -13.53 4.05
N SER A 368 8.50 -14.50 3.15
CA SER A 368 9.61 -15.44 2.93
C SER A 368 10.80 -14.72 2.34
N TRP A 369 10.52 -13.88 1.35
CA TRP A 369 11.55 -13.11 0.70
C TRP A 369 12.25 -12.25 1.75
N LYS A 370 11.45 -11.57 2.58
CA LYS A 370 12.00 -10.71 3.63
C LYS A 370 12.81 -11.47 4.67
N LEU A 371 12.32 -12.63 5.08
CA LEU A 371 13.04 -13.42 6.07
C LEU A 371 14.46 -13.74 5.59
N PHE A 372 14.57 -14.19 4.33
CA PHE A 372 15.87 -14.55 3.82
C PHE A 372 16.74 -13.37 3.47
N LYS A 373 16.14 -12.21 3.16
CA LYS A 373 16.91 -11.01 2.88
C LYS A 373 17.60 -10.69 4.19
N MET A 374 16.87 -10.81 5.29
CA MET A 374 17.44 -10.51 6.61
C MET A 374 18.49 -11.54 7.03
N TYR A 375 18.30 -12.81 6.67
CA TYR A 375 19.30 -13.83 6.99
C TYR A 375 20.56 -13.42 6.23
N LEU A 376 20.40 -13.07 4.95
CA LEU A 376 21.53 -12.64 4.14
C LEU A 376 22.24 -11.42 4.68
N ILE A 377 21.49 -10.35 4.94
CA ILE A 377 22.04 -9.09 5.44
C ILE A 377 22.68 -9.11 6.83
N TYR A 378 22.01 -9.70 7.79
CA TYR A 378 22.52 -9.73 9.15
C TYR A 378 23.53 -10.82 9.48
N TYR A 379 23.30 -12.04 9.00
CA TYR A 379 24.19 -13.15 9.32
C TYR A 379 24.85 -13.87 8.14
N ASP A 380 24.59 -13.41 6.92
CA ASP A 380 25.16 -14.04 5.74
C ASP A 380 24.99 -15.56 5.82
N THR A 381 23.81 -15.97 6.27
CA THR A 381 23.48 -17.37 6.43
C THR A 381 23.60 -18.20 5.15
N ALA A 382 24.00 -19.46 5.32
CA ALA A 382 24.16 -20.39 4.21
C ALA A 382 22.86 -20.54 3.41
N ASP A 383 22.96 -20.32 2.10
CA ASP A 383 21.83 -20.42 1.17
C ASP A 383 20.93 -19.18 1.12
N SER A 384 21.17 -18.21 1.99
CA SER A 384 20.37 -16.99 2.03
C SER A 384 20.10 -16.42 0.65
N LEU A 385 21.16 -16.13 -0.11
CA LEU A 385 21.00 -15.56 -1.43
C LEU A 385 20.17 -16.45 -2.35
N LEU A 386 20.39 -17.76 -2.29
CA LEU A 386 19.64 -18.68 -3.13
C LEU A 386 18.15 -18.54 -2.82
N LYS A 387 17.81 -18.54 -1.53
CA LYS A 387 16.44 -18.40 -1.07
C LYS A 387 15.85 -17.05 -1.52
N VAL A 388 16.64 -15.99 -1.40
CA VAL A 388 16.22 -14.65 -1.81
C VAL A 388 15.85 -14.66 -3.29
N ILE A 389 16.70 -15.24 -4.12
CA ILE A 389 16.49 -15.39 -5.58
C ILE A 389 15.21 -16.17 -5.87
N HIS A 390 14.97 -17.26 -5.13
CA HIS A 390 13.84 -18.14 -5.33
C HIS A 390 12.53 -17.45 -4.95
N TYR A 391 12.35 -16.84 -3.77
CA TYR A 391 11.13 -16.14 -3.44
C TYR A 391 10.88 -14.93 -4.29
N SER A 392 11.94 -14.21 -4.73
CA SER A 392 11.66 -13.15 -5.74
C SER A 392 11.06 -13.80 -7.00
N LYS A 393 11.54 -14.97 -7.51
CA LYS A 393 10.95 -15.62 -8.69
C LYS A 393 9.54 -16.13 -8.44
N VAL A 394 9.29 -16.62 -7.23
CA VAL A 394 7.97 -17.09 -6.87
C VAL A 394 7.03 -15.91 -7.01
N ILE A 395 7.49 -14.77 -6.50
CA ILE A 395 6.73 -13.52 -6.54
C ILE A 395 6.45 -13.09 -7.98
N ILE A 396 7.49 -13.10 -8.82
CA ILE A 396 7.32 -12.73 -10.22
C ILE A 396 6.30 -13.70 -10.84
N SER A 397 6.58 -14.98 -10.65
CA SER A 397 5.75 -16.06 -11.16
C SER A 397 4.26 -15.90 -10.82
N LEU A 398 3.97 -15.50 -9.57
CA LEU A 398 2.58 -15.32 -9.15
C LEU A 398 1.89 -14.20 -9.91
N ILE A 399 2.63 -13.11 -10.16
CA ILE A 399 2.07 -11.97 -10.87
C ILE A 399 1.85 -12.31 -12.34
N VAL A 400 2.89 -12.87 -12.96
CA VAL A 400 2.85 -13.27 -14.37
C VAL A 400 1.75 -14.30 -14.62
N ASN A 401 1.50 -15.15 -13.63
CA ASN A 401 0.48 -16.18 -13.73
C ASN A 401 -0.91 -15.57 -13.93
N ASN A 402 -1.12 -14.34 -13.49
CA ASN A 402 -2.41 -13.68 -13.65
C ASN A 402 -2.57 -13.00 -15.00
N PHE A 403 -1.45 -12.77 -15.74
CA PHE A 403 -1.52 -12.18 -17.08
C PHE A 403 -2.40 -13.04 -17.99
N HIS A 404 -2.66 -14.31 -17.55
CA HIS A 404 -3.71 -15.08 -18.20
C HIS A 404 -5.10 -14.65 -17.69
N ALA A 405 -5.51 -13.54 -18.31
CA ALA A 405 -6.74 -12.80 -18.05
C ALA A 405 -7.83 -13.54 -17.31
N LYS A 406 -8.68 -12.65 -16.68
CA LYS A 406 -9.82 -13.04 -15.85
C LYS A 406 -9.25 -13.13 -14.43
N SER A 407 -7.97 -12.81 -14.30
CA SER A 407 -7.31 -12.81 -13.01
C SER A 407 -6.24 -11.72 -13.05
N GLU A 408 -6.13 -11.07 -14.20
CA GLU A 408 -5.16 -10.00 -14.41
C GLU A 408 -5.35 -8.90 -13.39
N PHE A 409 -6.62 -8.62 -13.06
CA PHE A 409 -6.95 -7.57 -12.12
C PHE A 409 -6.49 -7.89 -10.70
N PHE A 410 -6.10 -9.14 -10.44
CA PHE A 410 -5.63 -9.51 -9.11
C PHE A 410 -4.35 -8.72 -8.85
N ASN A 411 -3.61 -8.44 -9.92
CA ASN A 411 -2.35 -7.72 -9.81
C ASN A 411 -2.49 -6.26 -9.37
N ARG A 412 -3.73 -5.77 -9.32
CA ARG A 412 -3.98 -4.40 -8.90
C ARG A 412 -3.96 -4.25 -7.37
N HIS A 413 -3.85 -5.38 -6.67
CA HIS A 413 -3.81 -5.36 -5.21
C HIS A 413 -2.59 -4.56 -4.76
N PRO A 414 -2.81 -3.55 -3.90
CA PRO A 414 -1.72 -2.71 -3.40
C PRO A 414 -0.49 -3.49 -2.92
N MET A 415 -0.71 -4.67 -2.35
CA MET A 415 0.39 -5.49 -1.88
C MET A 415 1.41 -5.81 -2.95
N VAL A 416 0.99 -6.03 -4.21
CA VAL A 416 1.98 -6.36 -5.25
C VAL A 416 2.86 -5.16 -5.56
N MET A 417 2.30 -3.97 -5.49
CA MET A 417 3.09 -2.78 -5.73
C MET A 417 4.12 -2.68 -4.59
N GLN A 418 3.66 -2.82 -3.34
CA GLN A 418 4.59 -2.74 -2.20
C GLN A 418 5.69 -3.78 -2.29
N THR A 419 5.30 -5.04 -2.51
CA THR A 419 6.26 -6.14 -2.58
C THR A 419 7.26 -5.97 -3.72
N ILE A 420 6.77 -5.62 -4.91
CA ILE A 420 7.66 -5.43 -6.05
C ILE A 420 8.64 -4.31 -5.75
N THR A 421 8.15 -3.26 -5.10
CA THR A 421 8.99 -2.13 -4.73
C THR A 421 10.17 -2.56 -3.88
N ARG A 422 9.90 -3.34 -2.83
CA ARG A 422 10.97 -3.79 -1.96
C ARG A 422 11.95 -4.70 -2.71
N VAL A 423 11.41 -5.62 -3.50
CA VAL A 423 12.23 -6.58 -4.24
C VAL A 423 13.14 -5.94 -5.29
N VAL A 424 12.57 -5.23 -6.25
CA VAL A 424 13.37 -4.62 -7.30
C VAL A 424 14.36 -3.59 -6.76
N SER A 425 14.02 -2.94 -5.65
CA SER A 425 14.91 -1.95 -5.06
C SER A 425 16.11 -2.60 -4.40
N PHE A 426 15.87 -3.59 -3.55
CA PHE A 426 16.97 -4.29 -2.89
C PHE A 426 17.88 -5.00 -3.90
N ILE A 427 17.29 -5.63 -4.91
CA ILE A 427 18.09 -6.33 -5.90
C ILE A 427 18.97 -5.34 -6.65
N SER A 428 18.40 -4.18 -7.01
CA SER A 428 19.13 -3.13 -7.71
C SER A 428 20.33 -2.67 -6.88
N PHE A 429 20.09 -2.50 -5.58
CA PHE A 429 21.13 -2.07 -4.66
C PHE A 429 22.17 -3.17 -4.49
N TYR A 430 21.72 -4.42 -4.37
CA TYR A 430 22.63 -5.55 -4.19
C TYR A 430 23.50 -5.74 -5.43
N GLN A 431 22.90 -5.45 -6.57
CA GLN A 431 23.57 -5.59 -7.87
C GLN A 431 24.74 -4.62 -7.98
N ILE A 432 24.61 -3.46 -7.34
CA ILE A 432 25.65 -2.44 -7.36
C ILE A 432 26.96 -2.87 -6.71
N PHE A 433 26.88 -3.57 -5.59
CA PHE A 433 28.07 -3.96 -4.84
C PHE A 433 28.54 -5.40 -4.95
N VAL A 434 27.62 -6.32 -5.20
CA VAL A 434 27.98 -7.73 -5.29
C VAL A 434 27.80 -8.28 -6.70
N GLU A 435 28.83 -8.98 -7.18
CA GLU A 435 28.83 -9.58 -8.51
C GLU A 435 28.11 -10.93 -8.48
N SER A 436 27.17 -11.10 -9.39
CA SER A 436 26.40 -12.33 -9.50
C SER A 436 25.54 -12.29 -10.75
N ALA A 437 25.78 -13.24 -11.65
CA ALA A 437 25.03 -13.31 -12.91
C ALA A 437 23.57 -13.66 -12.68
N ALA A 438 23.32 -14.52 -11.69
CA ALA A 438 21.96 -14.93 -11.34
C ALA A 438 21.16 -13.71 -10.89
N VAL A 439 21.74 -12.92 -9.99
CA VAL A 439 21.08 -11.72 -9.50
C VAL A 439 20.95 -10.72 -10.65
N LYS A 440 21.95 -10.68 -11.52
CA LYS A 440 21.94 -9.77 -12.68
C LYS A 440 20.79 -10.06 -13.63
N GLN A 441 20.46 -11.34 -13.77
CA GLN A 441 19.36 -11.74 -14.66
C GLN A 441 18.04 -11.47 -13.95
N LEU A 442 18.02 -11.71 -12.65
CA LEU A 442 16.83 -11.49 -11.85
C LEU A 442 16.44 -10.02 -11.95
N LEU A 443 17.43 -9.14 -11.95
CA LEU A 443 17.16 -7.71 -12.04
C LEU A 443 16.50 -7.35 -13.36
N VAL A 444 16.91 -8.02 -14.44
CA VAL A 444 16.34 -7.76 -15.74
C VAL A 444 14.88 -8.21 -15.79
N ASP A 445 14.60 -9.36 -15.17
CA ASP A 445 13.24 -9.88 -15.13
C ASP A 445 12.37 -9.00 -14.24
N LEU A 446 12.93 -8.57 -13.12
CA LEU A 446 12.24 -7.69 -12.19
C LEU A 446 11.94 -6.36 -12.89
N THR A 447 12.97 -5.79 -13.52
CA THR A 447 12.84 -4.51 -14.23
C THR A 447 11.78 -4.61 -15.32
N GLU A 448 11.72 -5.76 -15.96
CA GLU A 448 10.76 -6.00 -17.03
C GLU A 448 9.33 -6.11 -16.49
N LEU A 449 9.15 -6.93 -15.45
CA LEU A 449 7.84 -7.12 -14.85
C LEU A 449 7.26 -5.80 -14.33
N THR A 450 8.11 -4.98 -13.70
CA THR A 450 7.67 -3.70 -13.18
C THR A 450 6.94 -2.90 -14.25
N ALA A 451 7.53 -2.84 -15.43
CA ALA A 451 6.95 -2.11 -16.55
C ALA A 451 5.61 -2.66 -17.00
N ASN A 452 5.29 -3.87 -16.57
CA ASN A 452 4.04 -4.50 -16.96
C ASN A 452 2.92 -4.45 -15.92
N LEU A 453 3.23 -3.91 -14.74
CA LEU A 453 2.23 -3.80 -13.68
C LEU A 453 1.05 -2.96 -14.12
N PRO A 454 -0.15 -3.26 -13.61
CA PRO A 454 -1.36 -2.52 -13.96
C PRO A 454 -1.13 -1.01 -13.89
N THR A 455 -1.61 -0.29 -14.90
CA THR A 455 -1.47 1.15 -14.94
C THR A 455 -2.35 1.83 -13.90
N ILE A 456 -3.19 1.05 -13.21
CA ILE A 456 -4.06 1.63 -12.21
C ILE A 456 -3.21 2.19 -11.06
N PHE A 457 -1.97 1.72 -10.97
CA PHE A 457 -1.05 2.19 -9.94
C PHE A 457 -0.54 3.61 -10.19
N GLY A 458 -1.03 4.23 -11.27
CA GLY A 458 -0.66 5.60 -11.60
C GLY A 458 0.78 6.07 -11.51
N SER A 459 0.96 7.32 -11.06
CA SER A 459 2.28 7.93 -10.94
C SER A 459 3.24 7.22 -9.98
N LYS A 460 2.70 6.39 -9.10
CA LYS A 460 3.54 5.63 -8.19
C LYS A 460 4.37 4.65 -9.01
N LEU A 461 3.76 4.12 -10.06
CA LEU A 461 4.45 3.17 -10.92
C LEU A 461 5.61 3.87 -11.65
N ASP A 462 5.37 5.08 -12.16
CA ASP A 462 6.44 5.80 -12.84
C ASP A 462 7.56 6.15 -11.86
N LYS A 463 7.19 6.50 -10.63
CA LYS A 463 8.18 6.83 -9.63
C LYS A 463 9.05 5.63 -9.27
N LEU A 464 8.45 4.45 -9.25
CA LEU A 464 9.22 3.24 -8.94
C LEU A 464 10.16 2.92 -10.11
N VAL A 465 9.66 3.05 -11.33
CA VAL A 465 10.51 2.79 -12.50
C VAL A 465 11.69 3.76 -12.43
N TYR A 466 11.39 5.01 -12.09
CA TYR A 466 12.41 6.04 -11.96
C TYR A 466 13.43 5.68 -10.89
N LEU A 467 12.94 5.26 -9.73
CA LEU A 467 13.83 4.89 -8.64
C LEU A 467 14.74 3.75 -9.07
N THR A 468 14.20 2.85 -9.89
CA THR A 468 14.97 1.71 -10.37
C THR A 468 16.09 2.13 -11.31
N GLU A 469 15.79 3.05 -12.24
CA GLU A 469 16.80 3.54 -13.17
C GLU A 469 17.91 4.26 -12.40
N ARG A 470 17.51 5.06 -11.42
CA ARG A 470 18.46 5.81 -10.61
C ARG A 470 19.44 4.88 -9.89
N LEU A 471 18.93 3.75 -9.41
CA LEU A 471 19.81 2.80 -8.71
C LEU A 471 20.74 2.15 -9.71
N SER A 472 20.27 1.93 -10.93
CA SER A 472 21.12 1.31 -11.94
C SER A 472 22.19 2.32 -12.34
N LYS A 473 21.78 3.57 -12.55
CA LYS A 473 22.73 4.61 -12.90
C LYS A 473 23.75 4.72 -11.78
N LEU A 474 23.34 4.36 -10.59
CA LEU A 474 24.20 4.42 -9.41
C LEU A 474 25.23 3.30 -9.44
N LYS A 475 24.93 2.21 -10.13
CA LYS A 475 25.87 1.11 -10.24
C LYS A 475 26.96 1.58 -11.18
N LEU A 476 26.54 2.16 -12.31
CA LEU A 476 27.45 2.70 -13.31
C LEU A 476 28.52 3.53 -12.60
N LEU A 477 28.07 4.54 -11.86
CA LEU A 477 28.97 5.43 -11.14
C LEU A 477 29.92 4.69 -10.23
N TRP A 478 29.44 3.63 -9.59
CA TRP A 478 30.28 2.84 -8.70
C TRP A 478 31.40 2.16 -9.48
N ASP A 479 31.09 1.73 -10.70
CA ASP A 479 32.09 1.07 -11.55
C ASP A 479 33.10 2.09 -12.06
N LYS A 480 32.61 3.21 -12.58
CA LYS A 480 33.44 4.27 -13.15
C LYS A 480 34.20 5.17 -12.16
N VAL A 481 34.27 4.80 -10.88
CA VAL A 481 34.99 5.60 -9.89
C VAL A 481 35.63 4.71 -8.82
N GLN A 482 36.87 5.02 -8.47
CA GLN A 482 37.62 4.22 -7.50
C GLN A 482 37.30 4.47 -6.03
N LEU A 483 37.14 3.37 -5.30
CA LEU A 483 36.84 3.43 -3.87
C LEU A 483 38.08 3.93 -3.11
N LEU A 484 37.85 4.71 -2.06
CA LEU A 484 38.94 5.24 -1.23
C LEU A 484 38.88 4.70 0.19
N ASP A 485 40.01 4.75 0.88
CA ASP A 485 40.12 4.23 2.24
C ASP A 485 41.06 5.07 3.11
N SER A 486 40.53 5.70 4.16
CA SER A 486 41.35 6.51 5.04
C SER A 486 42.00 5.61 6.10
N GLY A 487 41.93 4.30 5.85
CA GLY A 487 42.49 3.33 6.77
C GLY A 487 41.64 3.19 8.02
N ASP A 488 40.66 4.09 8.13
CA ASP A 488 39.74 4.13 9.27
C ASP A 488 38.30 4.01 8.80
N SER A 489 38.05 4.48 7.58
CA SER A 489 36.73 4.43 6.97
C SER A 489 36.90 4.47 5.46
N PHE A 490 35.89 4.00 4.72
CA PHE A 490 35.95 4.00 3.26
C PHE A 490 35.19 5.21 2.74
N TYR A 491 35.41 5.57 1.47
CA TYR A 491 34.72 6.71 0.89
C TYR A 491 34.41 6.50 -0.59
N HIS A 492 33.30 7.09 -1.03
CA HIS A 492 32.87 6.97 -2.43
C HIS A 492 31.64 7.86 -2.63
N PRO A 493 31.53 8.52 -3.79
CA PRO A 493 30.38 9.40 -4.08
C PRO A 493 29.05 8.68 -3.89
N VAL A 494 29.00 7.43 -4.34
CA VAL A 494 27.78 6.63 -4.23
C VAL A 494 27.34 6.54 -2.77
N PHE A 495 28.28 6.36 -1.85
CA PHE A 495 27.95 6.28 -0.44
C PHE A 495 27.27 7.57 0.04
N LYS A 496 27.90 8.70 -0.27
CA LYS A 496 27.38 10.00 0.12
C LYS A 496 25.98 10.22 -0.45
N ILE A 497 25.81 9.95 -1.74
CA ILE A 497 24.53 10.11 -2.41
C ILE A 497 23.42 9.29 -1.71
N LEU A 498 23.70 8.02 -1.43
CA LEU A 498 22.72 7.17 -0.77
C LEU A 498 22.40 7.72 0.61
N GLN A 499 23.42 8.21 1.30
CA GLN A 499 23.25 8.76 2.63
C GLN A 499 22.44 10.05 2.57
N ASN A 500 22.64 10.82 1.50
CA ASN A 500 21.92 12.07 1.31
C ASN A 500 20.45 11.82 1.02
N ASP A 501 20.15 10.72 0.31
CA ASP A 501 18.78 10.40 -0.03
C ASP A 501 17.94 10.28 1.23
N ILE A 502 18.45 9.51 2.18
CA ILE A 502 17.76 9.29 3.44
C ILE A 502 17.60 10.63 4.17
N LYS A 503 18.66 11.44 4.18
CA LYS A 503 18.61 12.73 4.86
C LYS A 503 17.58 13.68 4.24
N ILE A 504 17.52 13.72 2.92
CA ILE A 504 16.57 14.58 2.21
C ILE A 504 15.11 14.18 2.48
N ILE A 505 14.84 12.89 2.51
CA ILE A 505 13.48 12.41 2.76
C ILE A 505 13.13 12.54 4.24
N GLU A 506 14.13 12.46 5.12
CA GLU A 506 13.89 12.62 6.55
C GLU A 506 13.48 14.07 6.76
N LEU A 507 14.15 14.97 6.05
CA LEU A 507 13.90 16.40 6.14
C LEU A 507 12.52 16.76 5.57
N LYS A 508 12.07 16.05 4.54
CA LYS A 508 10.76 16.31 3.97
C LYS A 508 9.67 15.71 4.88
N ASN A 509 10.08 15.09 5.98
CA ASN A 509 9.14 14.50 6.91
C ASN A 509 9.24 15.14 8.28
N ASP A 510 9.95 16.26 8.35
CA ASP A 510 10.10 17.01 9.61
C ASP A 510 8.96 18.03 9.58
N GLU A 511 8.03 17.94 10.54
CA GLU A 511 6.92 18.87 10.55
C GLU A 511 7.21 20.21 11.21
N MET A 512 8.41 20.38 11.77
CA MET A 512 8.79 21.62 12.41
C MET A 512 8.52 22.83 11.51
N PHE A 513 8.74 22.66 10.22
CA PHE A 513 8.52 23.73 9.26
C PHE A 513 7.06 24.15 9.24
N SER A 514 6.16 23.18 9.12
CA SER A 514 4.74 23.50 9.08
C SER A 514 4.27 24.04 10.43
N LEU A 515 4.97 23.67 11.50
CA LEU A 515 4.64 24.14 12.84
C LEU A 515 4.89 25.64 12.86
N ILE A 516 6.13 26.00 12.55
CA ILE A 516 6.58 27.39 12.50
C ILE A 516 5.66 28.24 11.62
N LYS A 517 5.24 27.70 10.48
CA LYS A 517 4.38 28.43 9.57
C LYS A 517 2.94 28.58 10.07
N GLY A 518 2.50 27.62 10.89
CA GLY A 518 1.15 27.69 11.42
C GLY A 518 1.00 28.61 12.62
N LEU A 519 2.09 28.81 13.35
CA LEU A 519 2.08 29.67 14.54
C LEU A 519 2.15 31.16 14.24
N GLY A 520 2.74 31.54 13.11
CA GLY A 520 2.81 32.96 12.82
C GLY A 520 3.55 33.32 11.56
N SER A 521 4.09 34.53 11.54
CA SER A 521 4.81 35.02 10.38
C SER A 521 6.33 34.91 10.54
N LEU A 522 6.78 34.40 11.68
CA LEU A 522 8.22 34.26 11.89
C LEU A 522 8.74 33.23 10.88
N VAL A 523 9.94 33.47 10.38
CA VAL A 523 10.56 32.59 9.41
C VAL A 523 11.98 32.22 9.87
N PRO A 524 12.33 30.94 9.83
CA PRO A 524 13.71 30.60 10.25
C PRO A 524 14.78 31.10 9.30
N LEU A 525 15.93 31.46 9.86
CA LEU A 525 17.10 31.82 9.05
C LEU A 525 17.98 30.61 8.81
N ASN A 526 18.89 30.34 9.74
CA ASN A 526 19.56 29.06 9.81
C ASN A 526 18.71 27.92 9.24
N SER A 545 36.95 19.73 -3.96
CA SER A 545 37.19 18.28 -4.22
C SER A 545 36.38 17.77 -5.41
N ASP A 546 36.95 16.82 -6.16
CA ASP A 546 36.28 16.25 -7.32
C ASP A 546 35.17 15.33 -6.84
N PHE A 547 35.30 14.87 -5.60
CA PHE A 547 34.34 13.98 -4.96
C PHE A 547 32.99 14.67 -4.73
N ARG A 548 33.05 15.94 -4.35
CA ARG A 548 31.86 16.74 -4.09
C ARG A 548 31.18 17.15 -5.39
N THR A 549 31.95 17.19 -6.47
CA THR A 549 31.42 17.59 -7.78
C THR A 549 30.65 16.45 -8.42
N ILE A 550 31.01 15.21 -8.07
CA ILE A 550 30.35 14.04 -8.61
C ILE A 550 28.99 13.89 -7.91
N VAL A 551 29.00 14.01 -6.59
CA VAL A 551 27.79 13.89 -5.79
C VAL A 551 26.72 14.90 -6.25
N GLU A 552 27.11 16.17 -6.37
CA GLU A 552 26.18 17.19 -6.80
C GLU A 552 25.74 16.96 -8.24
N GLU A 553 26.68 16.54 -9.07
CA GLU A 553 26.40 16.29 -10.48
C GLU A 553 25.30 15.24 -10.62
N PHE A 554 25.48 14.12 -9.92
CA PHE A 554 24.51 13.03 -9.96
C PHE A 554 23.13 13.47 -9.47
N GLN A 555 23.11 14.11 -8.31
CA GLN A 555 21.86 14.56 -7.71
C GLN A 555 21.05 15.56 -8.53
N SER A 556 21.70 16.53 -9.17
CA SER A 556 20.94 17.49 -9.96
C SER A 556 20.45 16.85 -11.26
N GLU A 557 20.92 15.65 -11.53
CA GLU A 557 20.52 14.91 -12.73
C GLU A 557 19.49 13.86 -12.35
N TYR A 558 19.61 13.36 -11.12
CA TYR A 558 18.70 12.35 -10.59
C TYR A 558 18.31 12.75 -9.18
N ASN A 559 17.36 13.67 -9.10
CA ASN A 559 16.89 14.19 -7.82
C ASN A 559 16.01 13.15 -7.13
N ILE A 560 16.45 12.73 -5.94
CA ILE A 560 15.71 11.73 -5.16
C ILE A 560 14.32 12.25 -4.83
N SER A 561 14.19 13.58 -4.75
CA SER A 561 12.92 14.21 -4.44
C SER A 561 11.86 13.92 -5.49
N ASP A 562 12.27 13.41 -6.64
CA ASP A 562 11.32 13.11 -7.70
C ASP A 562 10.45 11.89 -7.43
N ILE A 563 10.77 11.11 -6.39
CA ILE A 563 9.97 9.94 -6.06
C ILE A 563 8.85 10.36 -5.10
N LEU A 564 8.85 11.63 -4.69
CA LEU A 564 7.85 12.13 -3.74
C LEU A 564 6.53 12.55 -4.39
N SER A 565 5.56 12.90 -3.55
CA SER A 565 4.26 13.35 -4.00
C SER A 565 3.90 14.69 -3.35
#